data_3RE3
#
_entry.id   3RE3
#
_cell.length_a   96.116
_cell.length_b   96.116
_cell.length_c   155.308
_cell.angle_alpha   90.00
_cell.angle_beta   90.00
_cell.angle_gamma   120.00
#
_symmetry.space_group_name_H-M   'P 63'
#
loop_
_entity.id
_entity.type
_entity.pdbx_description
1 polymer '2-C-methyl-D-erythritol 2,4-cyclodiphosphate synthase'
2 non-polymer 'PYROPHOSPHATE 2-'
3 non-polymer 'SODIUM ION'
4 non-polymer 'CHLORIDE ION'
5 non-polymer 'PHOSPHATE ION'
6 non-polymer (4S)-2-METHYL-2,4-PENTANEDIOL
7 water water
#
_entity_poly.entity_id   1
_entity_poly.type   'polypeptide(L)'
_entity_poly.pdbx_seq_one_letter_code
;SNA(MSE)SFRIGHGYDVHKFTSAKQNIIIGGVEIAYHLGLEAHSDGDVLIHALCDAILGALGLGDIGKHFLDTDNQFKN
IDSKFFLAEIKK(MSE)LDKKQYSISNIDCTIIAQAPK(MSE)LPHIEK(MSE)RACLANILEIQISQINIKATTTERLG
FIGREEGIATHVVCLLYR
;
_entity_poly.pdbx_strand_id   A,B,C,D
#
# COMPACT_ATOMS: atom_id res chain seq x y z
N ASN A 2 43.50 -38.06 -35.74
CA ASN A 2 42.42 -38.70 -35.00
C ASN A 2 41.17 -37.79 -34.90
N ALA A 3 40.26 -38.16 -34.01
CA ALA A 3 38.99 -37.48 -33.84
C ALA A 3 38.83 -37.13 -32.37
N SER A 5 35.94 -36.28 -28.96
CA SER A 5 34.63 -36.60 -28.41
C SER A 5 34.03 -35.41 -27.67
N PHE A 6 32.77 -35.13 -27.95
CA PHE A 6 32.05 -34.13 -27.16
C PHE A 6 30.93 -34.77 -26.34
N ARG A 7 30.69 -34.24 -25.15
CA ARG A 7 29.56 -34.70 -24.33
C ARG A 7 28.75 -33.53 -23.71
N ILE A 8 27.42 -33.59 -23.79
CA ILE A 8 26.56 -32.63 -23.08
C ILE A 8 26.10 -33.11 -21.73
N GLY A 9 26.23 -32.26 -20.72
CA GLY A 9 25.42 -32.37 -19.52
C GLY A 9 24.26 -31.38 -19.37
N HIS A 10 23.29 -31.74 -18.54
CA HIS A 10 22.27 -30.79 -18.10
C HIS A 10 21.92 -30.94 -16.62
N GLY A 11 22.20 -29.92 -15.81
CA GLY A 11 21.64 -29.86 -14.47
C GLY A 11 20.40 -28.99 -14.28
N TYR A 12 19.56 -29.36 -13.34
CA TYR A 12 18.44 -28.49 -12.96
C TYR A 12 18.24 -28.52 -11.47
N ASP A 13 18.30 -27.38 -10.82
CA ASP A 13 18.07 -27.37 -9.40
C ASP A 13 17.05 -26.35 -8.90
N VAL A 14 16.38 -26.69 -7.81
CA VAL A 14 15.43 -25.77 -7.19
C VAL A 14 15.74 -25.61 -5.72
N HIS A 15 15.70 -24.38 -5.25
CA HIS A 15 15.86 -24.08 -3.85
C HIS A 15 14.61 -23.39 -3.34
N LYS A 16 14.03 -23.93 -2.27
CA LYS A 16 12.93 -23.28 -1.58
C LYS A 16 13.48 -22.33 -0.52
N PHE A 17 13.05 -21.06 -0.60
CA PHE A 17 13.39 -20.09 0.43
C PHE A 17 12.85 -20.53 1.79
N THR A 18 13.66 -20.36 2.81
CA THR A 18 13.27 -20.68 4.18
C THR A 18 13.08 -19.41 5.02
N SER A 19 11.83 -19.11 5.34
N SER A 19 11.83 -19.17 5.43
CA SER A 19 11.56 -17.89 6.08
CA SER A 19 11.45 -17.99 6.22
C SER A 19 12.24 -17.95 7.44
C SER A 19 11.12 -18.22 7.71
N ALA A 20 12.94 -16.89 7.79
N ALA A 20 10.68 -17.15 8.38
CA ALA A 20 13.47 -16.76 9.14
CA ALA A 20 10.14 -17.19 9.76
C ALA A 20 12.35 -16.22 10.04
C ALA A 20 11.11 -17.69 10.85
N LYS A 21 12.05 -16.94 11.11
N LYS A 21 12.27 -17.06 10.93
CA LYS A 21 11.04 -16.52 12.07
CA LYS A 21 13.42 -17.58 11.70
C LYS A 21 11.64 -16.67 13.46
C LYS A 21 13.40 -17.25 13.20
N GLN A 22 11.11 -15.94 14.44
N GLN A 22 12.31 -16.64 13.67
CA GLN A 22 11.74 -15.90 15.76
CA GLN A 22 12.16 -16.28 15.08
C GLN A 22 11.97 -17.27 16.38
C GLN A 22 12.24 -17.49 16.02
N ASN A 23 13.10 -17.42 17.04
CA ASN A 23 13.38 -18.60 17.87
C ASN A 23 12.28 -18.87 18.87
N ILE A 24 12.03 -20.14 19.18
CA ILE A 24 11.01 -20.45 20.16
C ILE A 24 11.57 -21.22 21.33
N ILE A 25 10.96 -21.02 22.49
CA ILE A 25 11.28 -21.82 23.66
C ILE A 25 10.25 -22.93 23.78
N ILE A 26 10.70 -24.14 24.06
CA ILE A 26 9.81 -25.24 24.37
C ILE A 26 10.40 -26.07 25.49
N GLY A 27 9.59 -26.38 26.50
CA GLY A 27 10.08 -27.11 27.65
C GLY A 27 11.31 -26.43 28.19
N GLY A 28 11.28 -25.10 28.14
CA GLY A 28 12.34 -24.30 28.72
C GLY A 28 13.63 -24.20 27.94
N VAL A 29 13.73 -24.93 26.81
CA VAL A 29 14.92 -24.80 25.98
C VAL A 29 14.70 -24.00 24.68
N GLU A 30 15.64 -23.10 24.38
CA GLU A 30 15.53 -22.25 23.20
C GLU A 30 16.01 -22.99 21.97
N ILE A 31 15.15 -23.06 20.96
CA ILE A 31 15.44 -23.80 19.76
C ILE A 31 15.37 -22.83 18.59
N ALA A 32 16.50 -22.59 17.94
CA ALA A 32 16.46 -21.79 16.73
C ALA A 32 15.97 -22.68 15.60
N TYR A 33 15.09 -22.17 14.77
CA TYR A 33 14.62 -22.96 13.65
C TYR A 33 14.46 -22.16 12.37
N HIS A 34 14.07 -22.86 11.32
CA HIS A 34 13.72 -22.25 10.05
C HIS A 34 12.45 -22.94 9.57
N LEU A 35 11.70 -22.28 8.69
CA LEU A 35 10.46 -22.85 8.18
C LEU A 35 10.38 -22.74 6.66
N ASP A 42 22.54 -23.15 3.29
CA ASP A 42 22.85 -24.52 2.90
C ASP A 42 23.19 -24.69 1.42
N GLY A 43 22.25 -25.25 0.68
CA GLY A 43 22.46 -25.59 -0.70
C GLY A 43 22.65 -24.40 -1.61
N ASP A 44 23.70 -24.46 -2.45
CA ASP A 44 23.91 -23.49 -3.51
C ASP A 44 23.27 -24.04 -4.79
N VAL A 45 22.18 -23.42 -5.22
CA VAL A 45 21.39 -23.95 -6.33
C VAL A 45 22.19 -24.04 -7.64
N LEU A 46 23.06 -23.06 -7.89
CA LEU A 46 23.82 -23.05 -9.14
C LEU A 46 24.91 -24.12 -9.16
N ILE A 47 25.73 -24.13 -8.12
CA ILE A 47 26.82 -25.09 -8.09
C ILE A 47 26.22 -26.50 -8.12
N HIS A 48 25.04 -26.64 -7.55
CA HIS A 48 24.37 -27.92 -7.55
C HIS A 48 23.97 -28.35 -8.97
N ALA A 49 23.24 -27.50 -9.69
CA ALA A 49 22.85 -27.83 -11.04
C ALA A 49 24.11 -28.05 -11.90
N LEU A 50 25.16 -27.28 -11.61
CA LEU A 50 26.41 -27.34 -12.35
C LEU A 50 27.10 -28.69 -12.17
N CYS A 51 27.24 -29.15 -10.93
CA CYS A 51 27.77 -30.48 -10.65
C CYS A 51 26.96 -31.55 -11.34
N ASP A 52 25.64 -31.45 -11.23
CA ASP A 52 24.74 -32.36 -11.92
C ASP A 52 24.99 -32.40 -13.43
N ALA A 53 25.24 -31.25 -14.05
CA ALA A 53 25.44 -31.20 -15.49
C ALA A 53 26.72 -31.94 -15.88
N ILE A 54 27.76 -31.72 -15.08
CA ILE A 54 29.06 -32.32 -15.35
C ILE A 54 29.02 -33.83 -15.16
N LEU A 55 28.51 -34.30 -14.03
CA LEU A 55 28.37 -35.74 -13.83
C LEU A 55 27.40 -36.28 -14.85
N GLY A 56 26.42 -35.46 -15.23
CA GLY A 56 25.50 -35.86 -16.26
C GLY A 56 26.22 -36.15 -17.57
N ALA A 57 27.00 -35.18 -18.03
CA ALA A 57 27.77 -35.35 -19.25
C ALA A 57 28.65 -36.61 -19.25
N LEU A 58 29.19 -36.97 -18.09
CA LEU A 58 30.05 -38.13 -17.93
C LEU A 58 29.34 -39.48 -17.69
N GLY A 59 28.00 -39.51 -17.66
CA GLY A 59 27.28 -40.74 -17.37
C GLY A 59 27.47 -41.22 -15.95
N LEU A 60 27.80 -40.28 -15.07
CA LEU A 60 28.02 -40.52 -13.65
C LEU A 60 26.81 -40.34 -12.73
N GLY A 61 25.62 -40.16 -13.30
CA GLY A 61 24.43 -39.87 -12.50
C GLY A 61 24.32 -38.46 -11.93
N ASP A 62 24.16 -38.34 -10.62
CA ASP A 62 24.09 -37.02 -10.00
C ASP A 62 25.00 -36.91 -8.79
N ILE A 63 25.02 -35.75 -8.15
CA ILE A 63 25.85 -35.54 -6.97
C ILE A 63 25.47 -36.55 -5.89
N GLY A 64 24.20 -36.94 -5.87
CA GLY A 64 23.70 -37.93 -4.93
C GLY A 64 24.37 -39.29 -4.99
N LYS A 65 24.72 -39.74 -6.19
CA LYS A 65 25.42 -41.01 -6.36
C LYS A 65 26.76 -41.02 -5.64
N HIS A 66 27.41 -39.86 -5.57
CA HIS A 66 28.74 -39.74 -4.98
C HIS A 66 28.88 -39.23 -3.54
N PHE A 67 27.77 -38.90 -2.90
CA PHE A 67 27.80 -38.34 -1.54
C PHE A 67 26.49 -38.65 -0.81
N LYS A 75 26.90 -31.76 3.08
CA LYS A 75 26.04 -31.18 4.09
C LYS A 75 26.25 -29.67 4.21
N ASN A 76 26.94 -29.25 5.26
CA ASN A 76 27.15 -27.83 5.54
C ASN A 76 28.47 -27.29 5.00
N ILE A 77 29.23 -28.12 4.29
CA ILE A 77 30.50 -27.69 3.70
C ILE A 77 30.27 -26.76 2.51
N ASP A 78 31.14 -25.76 2.37
CA ASP A 78 31.00 -24.79 1.29
C ASP A 78 30.85 -25.55 -0.02
N SER A 79 29.84 -25.20 -0.80
CA SER A 79 29.54 -25.93 -2.02
C SER A 79 30.73 -25.92 -2.98
N LYS A 80 31.57 -24.91 -2.86
CA LYS A 80 32.77 -24.81 -3.66
C LYS A 80 33.62 -26.08 -3.56
N PHE A 81 33.59 -26.76 -2.41
N PHE A 81 33.59 -26.71 -2.40
CA PHE A 81 34.39 -27.96 -2.24
CA PHE A 81 34.30 -27.96 -2.16
C PHE A 81 33.87 -29.15 -3.06
C PHE A 81 33.86 -29.02 -3.15
N PHE A 82 32.56 -29.25 -3.21
CA PHE A 82 31.98 -30.26 -4.09
C PHE A 82 32.40 -30.00 -5.52
N LEU A 83 32.31 -28.75 -5.92
CA LEU A 83 32.72 -28.34 -7.24
C LEU A 83 34.18 -28.74 -7.48
N ALA A 84 35.00 -28.65 -6.44
CA ALA A 84 36.38 -29.00 -6.57
C ALA A 84 36.55 -30.53 -6.68
N GLU A 85 35.69 -31.28 -6.02
CA GLU A 85 35.75 -32.72 -6.19
C GLU A 85 35.30 -33.12 -7.58
N ILE A 86 34.26 -32.45 -8.08
CA ILE A 86 33.81 -32.70 -9.44
C ILE A 86 34.90 -32.35 -10.47
N LYS A 87 35.70 -31.34 -10.17
CA LYS A 87 36.85 -31.00 -11.03
C LYS A 87 37.84 -32.17 -11.10
N LYS A 88 38.10 -32.81 -9.97
CA LYS A 88 38.98 -33.97 -9.94
C LYS A 88 38.38 -35.15 -10.68
N LEU A 90 36.31 -35.10 -13.00
CA LEU A 90 36.45 -34.72 -14.40
C LEU A 90 37.83 -35.08 -14.96
N ASP A 91 38.89 -34.81 -14.21
CA ASP A 91 40.24 -35.10 -14.70
C ASP A 91 40.51 -36.60 -14.80
N LYS A 92 40.05 -37.36 -13.81
CA LYS A 92 40.21 -38.81 -13.80
C LYS A 92 39.52 -39.47 -14.99
N LYS A 93 38.43 -38.86 -15.46
CA LYS A 93 37.75 -39.41 -16.63
C LYS A 93 38.37 -38.82 -17.89
N GLN A 94 39.29 -37.87 -17.71
CA GLN A 94 40.03 -37.26 -18.82
C GLN A 94 39.16 -36.52 -19.81
N TYR A 95 38.22 -35.75 -19.29
CA TYR A 95 37.46 -34.84 -20.11
C TYR A 95 37.78 -33.43 -19.67
N SER A 96 37.61 -32.49 -20.60
CA SER A 96 37.82 -31.08 -20.33
C SER A 96 36.51 -30.32 -20.54
N ILE A 97 36.40 -29.16 -19.91
CA ILE A 97 35.26 -28.30 -20.22
C ILE A 97 35.51 -27.48 -21.47
N SER A 98 34.63 -27.64 -22.45
CA SER A 98 34.58 -26.72 -23.55
C SER A 98 33.95 -25.42 -23.05
N ASN A 99 32.67 -25.49 -22.66
CA ASN A 99 32.00 -24.33 -22.08
C ASN A 99 30.79 -24.67 -21.23
N ILE A 100 30.38 -23.73 -20.39
CA ILE A 100 29.24 -23.91 -19.52
C ILE A 100 28.27 -22.75 -19.65
N ASP A 101 26.98 -23.05 -19.79
CA ASP A 101 25.94 -22.03 -19.79
C ASP A 101 24.93 -22.18 -18.64
N CYS A 102 24.70 -21.10 -17.90
CA CYS A 102 23.82 -21.18 -16.74
C CYS A 102 22.70 -20.17 -16.85
N THR A 103 21.49 -20.62 -16.54
CA THR A 103 20.35 -19.73 -16.41
C THR A 103 19.76 -19.82 -15.00
N ILE A 104 19.91 -18.74 -14.25
CA ILE A 104 19.27 -18.61 -12.95
C ILE A 104 17.87 -18.05 -13.11
N ILE A 105 16.89 -18.76 -12.59
CA ILE A 105 15.49 -18.32 -12.64
C ILE A 105 15.00 -17.86 -11.27
N ALA A 106 14.81 -16.55 -11.12
CA ALA A 106 14.41 -15.99 -9.84
C ALA A 106 13.59 -14.71 -9.99
N GLN A 107 12.58 -14.53 -9.14
CA GLN A 107 11.88 -13.24 -9.11
C GLN A 107 12.72 -12.28 -8.29
N ALA A 108 13.51 -12.86 -7.39
CA ALA A 108 14.45 -12.13 -6.55
C ALA A 108 15.22 -13.14 -5.69
N PRO A 109 16.33 -12.70 -5.05
CA PRO A 109 16.93 -11.36 -5.05
C PRO A 109 17.46 -10.95 -6.42
N LYS A 110 17.95 -9.72 -6.53
CA LYS A 110 18.47 -9.29 -7.82
C LYS A 110 19.90 -9.83 -8.00
N LEU A 112 21.93 -9.54 -10.84
CA LEU A 112 22.80 -8.81 -11.74
C LEU A 112 24.14 -8.34 -11.13
N PRO A 113 24.09 -7.76 -9.93
CA PRO A 113 25.32 -7.29 -9.29
C PRO A 113 26.34 -8.40 -8.97
N HIS A 114 25.85 -9.61 -8.70
CA HIS A 114 26.73 -10.69 -8.23
C HIS A 114 27.23 -11.70 -9.28
N ILE A 115 26.78 -11.57 -10.51
CA ILE A 115 27.01 -12.57 -11.55
C ILE A 115 28.49 -12.70 -11.95
N GLU A 116 29.14 -11.57 -12.20
CA GLU A 116 30.55 -11.58 -12.54
C GLU A 116 31.38 -12.18 -11.42
N LYS A 117 31.01 -11.92 -10.18
CA LYS A 117 31.69 -12.54 -9.07
C LYS A 117 31.54 -14.05 -9.16
N ARG A 119 31.07 -15.84 -11.81
CA ARG A 119 31.79 -16.38 -12.95
C ARG A 119 33.26 -16.53 -12.61
N ALA A 120 33.83 -15.53 -11.94
CA ALA A 120 35.24 -15.53 -11.61
C ALA A 120 35.52 -16.62 -10.60
N CYS A 121 34.66 -16.70 -9.61
CA CYS A 121 34.74 -17.71 -8.57
C CYS A 121 34.78 -19.11 -9.15
N LEU A 122 33.83 -19.43 -10.03
CA LEU A 122 33.73 -20.78 -10.54
C LEU A 122 34.75 -21.07 -11.63
N ALA A 123 35.02 -20.11 -12.49
CA ALA A 123 36.05 -20.28 -13.50
C ALA A 123 37.37 -20.64 -12.82
N ASN A 124 37.60 -20.02 -11.66
N ASN A 124 37.58 -20.09 -11.63
CA ASN A 124 38.82 -20.25 -10.92
CA ASN A 124 38.87 -20.25 -10.97
C ASN A 124 38.91 -21.67 -10.43
C ASN A 124 39.00 -21.47 -10.03
N ILE A 125 37.87 -22.11 -9.73
CA ILE A 125 37.86 -23.45 -9.15
C ILE A 125 38.00 -24.50 -10.27
N LEU A 126 37.33 -24.22 -11.38
CA LEU A 126 37.26 -25.15 -12.48
C LEU A 126 38.46 -25.00 -13.40
N GLU A 127 39.21 -23.93 -13.19
CA GLU A 127 40.41 -23.65 -13.97
C GLU A 127 40.09 -23.61 -15.46
N ILE A 128 39.10 -22.79 -15.80
CA ILE A 128 38.81 -22.45 -17.19
C ILE A 128 38.77 -20.94 -17.30
N GLN A 129 38.57 -20.45 -18.50
CA GLN A 129 38.42 -19.02 -18.71
C GLN A 129 37.03 -18.55 -18.30
N ILE A 130 36.95 -17.33 -17.79
CA ILE A 130 35.67 -16.74 -17.47
C ILE A 130 34.76 -16.83 -18.70
N SER A 131 35.34 -16.71 -19.88
CA SER A 131 34.57 -16.68 -21.10
C SER A 131 34.03 -18.06 -21.44
N GLN A 132 34.52 -19.06 -20.73
CA GLN A 132 34.03 -20.40 -20.92
C GLN A 132 32.85 -20.75 -20.04
N ILE A 133 32.49 -19.87 -19.11
N ILE A 133 32.49 -19.86 -19.13
CA ILE A 133 31.28 -20.08 -18.28
CA ILE A 133 31.30 -20.05 -18.28
C ILE A 133 30.33 -18.89 -18.22
C ILE A 133 30.38 -18.83 -18.34
N ASN A 134 29.15 -19.07 -18.79
CA ASN A 134 28.18 -18.00 -18.90
C ASN A 134 27.10 -18.19 -17.86
N ILE A 135 26.73 -17.09 -17.20
CA ILE A 135 25.68 -17.09 -16.19
C ILE A 135 24.72 -15.96 -16.51
N LYS A 136 23.48 -16.31 -16.83
CA LYS A 136 22.45 -15.29 -17.03
C LYS A 136 21.28 -15.48 -16.06
N ALA A 137 20.53 -14.41 -15.79
CA ALA A 137 19.39 -14.52 -14.88
C ALA A 137 18.11 -14.00 -15.54
N THR A 138 17.04 -14.79 -15.47
CA THR A 138 15.74 -14.33 -15.96
C THR A 138 14.65 -14.48 -14.88
N THR A 139 13.44 -14.03 -15.19
CA THR A 139 12.32 -14.13 -14.26
C THR A 139 11.18 -14.87 -14.91
N THR A 140 10.22 -15.27 -14.09
CA THR A 140 9.00 -15.87 -14.58
C THR A 140 7.93 -14.81 -14.77
N GLU A 141 8.30 -13.56 -14.60
CA GLU A 141 7.35 -12.44 -14.72
C GLU A 141 6.22 -12.57 -13.71
N ARG A 142 6.60 -12.88 -12.48
CA ARG A 142 5.69 -13.03 -11.33
C ARG A 142 4.69 -14.17 -11.47
N LEU A 143 5.03 -15.23 -12.18
CA LEU A 143 4.13 -16.35 -12.36
C LEU A 143 4.71 -17.62 -11.74
N GLY A 144 3.85 -18.52 -11.27
CA GLY A 144 4.30 -19.78 -10.73
C GLY A 144 5.04 -19.59 -9.42
N PHE A 145 5.56 -20.67 -8.85
CA PHE A 145 6.18 -20.61 -7.55
C PHE A 145 7.34 -19.62 -7.51
N ILE A 146 8.02 -19.44 -8.63
CA ILE A 146 9.14 -18.52 -8.70
C ILE A 146 8.66 -17.07 -8.74
N GLY A 147 7.59 -16.84 -9.49
CA GLY A 147 6.95 -15.53 -9.53
C GLY A 147 6.41 -15.07 -8.18
N ARG A 148 5.96 -16.01 -7.37
CA ARG A 148 5.45 -15.72 -6.03
C ARG A 148 6.59 -15.66 -5.04
N GLU A 149 7.80 -15.82 -5.54
CA GLU A 149 9.00 -15.74 -4.73
C GLU A 149 9.09 -16.82 -3.67
N GLU A 150 8.59 -18.01 -4.00
CA GLU A 150 8.67 -19.14 -3.08
C GLU A 150 10.02 -19.84 -3.15
N GLY A 151 10.76 -19.60 -4.24
CA GLY A 151 12.04 -20.26 -4.44
C GLY A 151 12.68 -19.85 -5.74
N ILE A 152 13.82 -20.46 -6.04
CA ILE A 152 14.53 -20.21 -7.29
C ILE A 152 15.02 -21.49 -7.94
N ALA A 153 15.27 -21.42 -9.23
CA ALA A 153 15.77 -22.56 -9.96
C ALA A 153 16.95 -22.14 -10.79
N THR A 154 17.75 -23.10 -11.19
CA THR A 154 18.81 -22.86 -12.17
C THR A 154 18.87 -24.02 -13.14
N HIS A 155 19.07 -23.67 -14.39
CA HIS A 155 19.41 -24.61 -15.45
C HIS A 155 20.89 -24.44 -15.84
N VAL A 156 21.60 -25.55 -15.91
CA VAL A 156 22.97 -25.52 -16.43
C VAL A 156 23.07 -26.50 -17.59
N VAL A 157 23.76 -26.08 -18.64
CA VAL A 157 24.23 -26.99 -19.66
C VAL A 157 25.75 -26.86 -19.76
N CYS A 158 26.43 -28.00 -19.87
CA CYS A 158 27.87 -27.99 -20.10
C CYS A 158 28.17 -28.81 -21.33
N LEU A 159 29.26 -28.45 -22.01
CA LEU A 159 29.81 -29.25 -23.11
C LEU A 159 31.21 -29.70 -22.75
N LEU A 160 31.45 -30.99 -22.79
CA LEU A 160 32.77 -31.56 -22.46
C LEU A 160 33.50 -32.13 -23.69
N TYR A 161 34.83 -32.08 -23.70
CA TYR A 161 35.60 -32.66 -24.81
C TYR A 161 36.79 -33.50 -24.36
N ARG A 162 37.27 -34.33 -25.28
CA ARG A 162 38.45 -35.19 -25.08
C ARG A 162 39.34 -35.15 -26.34
N SER B 5 -8.04 31.60 12.95
CA SER B 5 -7.35 30.31 12.86
C SER B 5 -8.22 29.19 12.29
N PHE B 6 -7.62 28.35 11.45
CA PHE B 6 -8.29 27.18 10.89
C PHE B 6 -7.47 25.90 11.11
N ARG B 7 -8.14 24.84 11.56
CA ARG B 7 -7.50 23.55 11.68
C ARG B 7 -8.28 22.53 10.86
N ILE B 8 -7.57 21.55 10.33
CA ILE B 8 -8.18 20.49 9.56
C ILE B 8 -7.99 19.20 10.32
N GLY B 9 -8.88 18.24 10.10
CA GLY B 9 -8.72 16.96 10.74
C GLY B 9 -9.29 15.88 9.84
N HIS B 10 -8.80 14.67 10.04
CA HIS B 10 -9.24 13.53 9.26
C HIS B 10 -9.31 12.34 10.15
N GLY B 11 -10.27 11.47 9.88
CA GLY B 11 -10.36 10.26 10.64
C GLY B 11 -10.89 9.17 9.76
N TYR B 12 -10.58 7.96 10.17
CA TYR B 12 -10.92 6.82 9.37
C TYR B 12 -11.17 5.69 10.32
N ASP B 13 -12.13 4.86 9.99
CA ASP B 13 -12.41 3.75 10.86
C ASP B 13 -13.03 2.60 10.09
N VAL B 14 -12.88 1.41 10.65
CA VAL B 14 -13.32 0.20 10.00
C VAL B 14 -14.06 -0.64 11.02
N HIS B 15 -15.10 -1.32 10.57
CA HIS B 15 -15.85 -2.22 11.43
C HIS B 15 -15.99 -3.55 10.73
N LYS B 16 -15.64 -4.63 11.40
CA LYS B 16 -15.91 -5.96 10.86
C LYS B 16 -17.33 -6.36 11.22
N PHE B 17 -18.07 -6.90 10.25
CA PHE B 17 -19.39 -7.43 10.54
C PHE B 17 -19.28 -8.72 11.36
N THR B 18 -20.09 -8.83 12.39
CA THR B 18 -20.09 -10.00 13.26
C THR B 18 -21.27 -10.89 12.94
N SER B 19 -21.00 -12.18 12.71
CA SER B 19 -22.01 -13.08 12.18
C SER B 19 -23.01 -13.62 13.20
N ALA B 20 -24.29 -13.67 12.88
N ALA B 20 -24.28 -13.34 12.89
CA ALA B 20 -25.18 -14.29 13.85
CA ALA B 20 -25.52 -13.94 13.38
C ALA B 20 -25.39 -15.78 13.55
C ALA B 20 -25.84 -14.05 14.89
N LYS B 21 -24.77 -16.64 14.36
N LYS B 21 -26.50 -15.16 15.23
CA LYS B 21 -25.27 -18.01 14.55
CA LYS B 21 -26.85 -15.52 16.61
C LYS B 21 -26.05 -18.12 15.87
C LYS B 21 -26.42 -16.97 16.87
N GLN B 22 -25.79 -17.15 16.74
N GLN B 22 -27.12 -17.90 16.22
CA GLN B 22 -26.59 -16.77 17.92
CA GLN B 22 -26.78 -19.33 16.23
C GLN B 22 -26.80 -17.73 19.11
C GLN B 22 -26.29 -19.84 17.58
N ASN B 23 -26.63 -19.04 18.97
N ASN B 23 -27.17 -19.83 18.57
CA ASN B 23 -26.82 -19.90 20.16
CA ASN B 23 -26.79 -20.03 19.98
C ASN B 23 -26.10 -21.25 20.26
C ASN B 23 -26.39 -21.45 20.37
N ILE B 24 -25.65 -21.56 21.47
CA ILE B 24 -25.04 -22.84 21.82
C ILE B 24 -25.34 -23.26 23.25
N ILE B 25 -25.32 -24.56 23.47
CA ILE B 25 -25.31 -25.10 24.80
C ILE B 25 -23.94 -25.76 24.97
N ILE B 26 -23.12 -25.23 25.87
CA ILE B 26 -21.90 -25.91 26.24
C ILE B 26 -21.97 -26.16 27.74
N GLY B 27 -21.74 -27.40 28.13
CA GLY B 27 -21.77 -27.77 29.53
C GLY B 27 -23.09 -27.51 30.22
N GLY B 28 -24.19 -27.62 29.48
CA GLY B 28 -25.52 -27.40 30.05
C GLY B 28 -25.96 -25.96 30.04
N VAL B 29 -25.03 -25.04 29.84
CA VAL B 29 -25.35 -23.62 29.84
C VAL B 29 -25.51 -23.05 28.42
N GLU B 30 -26.58 -22.29 28.23
CA GLU B 30 -26.81 -21.69 26.92
C GLU B 30 -26.05 -20.37 26.76
N ILE B 31 -25.23 -20.28 25.72
CA ILE B 31 -24.43 -19.08 25.50
C ILE B 31 -24.82 -18.39 24.20
N ALA B 32 -24.79 -17.06 24.20
CA ALA B 32 -24.96 -16.31 22.98
C ALA B 32 -23.60 -16.10 22.29
N TYR B 33 -23.53 -16.36 20.98
CA TYR B 33 -22.36 -16.00 20.18
C TYR B 33 -22.64 -14.65 19.58
N HIS B 34 -21.92 -13.63 20.06
CA HIS B 34 -22.35 -12.24 19.89
C HIS B 34 -22.63 -11.81 18.46
N ASP B 42 -19.08 -1.59 20.62
CA ASP B 42 -19.91 -0.76 19.74
C ASP B 42 -19.26 -0.59 18.38
N GLY B 43 -20.07 -0.71 17.34
CA GLY B 43 -19.59 -0.70 15.98
C GLY B 43 -19.75 0.57 15.17
N ASP B 44 -19.85 1.74 15.81
CA ASP B 44 -20.27 2.88 15.01
C ASP B 44 -19.03 3.57 14.47
N VAL B 45 -18.81 3.37 13.18
CA VAL B 45 -17.58 3.78 12.53
C VAL B 45 -17.66 5.25 12.23
N LEU B 46 -18.87 5.70 11.92
CA LEU B 46 -19.05 7.08 11.50
C LEU B 46 -18.73 8.01 12.65
N ILE B 47 -19.24 7.67 13.82
CA ILE B 47 -18.98 8.49 15.00
C ILE B 47 -17.55 8.31 15.49
N HIS B 48 -17.05 7.09 15.47
CA HIS B 48 -15.65 6.86 15.78
C HIS B 48 -14.76 7.74 14.89
N ALA B 49 -14.95 7.65 13.58
CA ALA B 49 -14.11 8.41 12.64
C ALA B 49 -14.31 9.91 12.80
N LEU B 50 -15.48 10.29 13.28
CA LEU B 50 -15.80 11.70 13.39
C LEU B 50 -15.13 12.28 14.61
N CYS B 51 -15.15 11.55 15.73
CA CYS B 51 -14.40 11.94 16.90
C CYS B 51 -12.91 12.04 16.60
N ASP B 52 -12.38 11.04 15.91
CA ASP B 52 -10.97 11.07 15.53
C ASP B 52 -10.65 12.32 14.72
N ALA B 53 -11.54 12.68 13.82
CA ALA B 53 -11.28 13.81 12.97
C ALA B 53 -11.20 15.09 13.79
N ILE B 54 -12.12 15.25 14.73
CA ILE B 54 -12.17 16.47 15.52
C ILE B 54 -11.03 16.53 16.52
N LEU B 55 -10.85 15.48 17.32
CA LEU B 55 -9.71 15.39 18.21
C LEU B 55 -8.44 15.71 17.42
N GLY B 56 -8.37 15.13 16.22
CA GLY B 56 -7.21 15.26 15.36
C GLY B 56 -6.97 16.68 14.90
N ALA B 57 -8.04 17.42 14.65
CA ALA B 57 -7.88 18.79 14.22
C ALA B 57 -7.33 19.64 15.36
N LEU B 58 -7.53 19.17 16.58
CA LEU B 58 -7.12 19.90 17.77
C LEU B 58 -5.78 19.47 18.33
N GLY B 59 -5.14 18.51 17.68
CA GLY B 59 -3.88 17.98 18.19
C GLY B 59 -4.05 17.19 19.48
N LEU B 60 -5.26 16.66 19.69
CA LEU B 60 -5.57 15.85 20.85
C LEU B 60 -5.32 14.35 20.62
N GLY B 61 -4.70 14.01 19.49
CA GLY B 61 -4.51 12.62 19.11
C GLY B 61 -5.74 11.93 18.58
N ASP B 62 -6.07 10.75 19.11
CA ASP B 62 -7.27 10.04 18.69
C ASP B 62 -8.28 9.85 19.82
N ILE B 63 -9.40 9.22 19.49
CA ILE B 63 -10.48 9.01 20.44
C ILE B 63 -10.03 8.10 21.59
N GLY B 64 -9.38 7.00 21.26
CA GLY B 64 -8.94 6.05 22.25
C GLY B 64 -7.81 6.57 23.13
N LYS B 65 -7.38 7.80 22.88
CA LYS B 65 -6.27 8.37 23.63
C LYS B 65 -6.72 8.84 25.01
N HIS B 66 -7.98 9.24 25.11
CA HIS B 66 -8.52 9.73 26.38
C HIS B 66 -9.25 8.64 27.16
N PHE B 67 -9.26 7.42 26.63
CA PHE B 67 -10.04 6.32 27.19
C PHE B 67 -9.25 5.03 27.32
N ASN B 76 -18.58 -0.56 26.50
CA ASN B 76 -19.42 -0.64 25.31
C ASN B 76 -20.54 0.41 25.34
N ILE B 77 -20.28 1.52 26.01
CA ILE B 77 -21.25 2.60 26.14
C ILE B 77 -21.63 3.21 24.79
N ASP B 78 -22.85 3.74 24.72
CA ASP B 78 -23.37 4.34 23.50
C ASP B 78 -22.37 5.36 22.95
N SER B 79 -22.04 5.23 21.68
CA SER B 79 -21.00 6.07 21.07
C SER B 79 -21.42 7.53 20.97
N LYS B 80 -22.73 7.78 21.03
CA LYS B 80 -23.24 9.15 21.07
C LYS B 80 -22.68 9.90 22.26
N PHE B 81 -22.43 9.20 23.36
CA PHE B 81 -21.84 9.83 24.52
C PHE B 81 -20.48 10.45 24.20
N PHE B 82 -19.59 9.67 23.60
CA PHE B 82 -18.26 10.15 23.27
C PHE B 82 -18.33 11.42 22.44
N LEU B 83 -19.19 11.41 21.42
CA LEU B 83 -19.39 12.61 20.62
C LEU B 83 -19.76 13.79 21.51
N ALA B 84 -20.66 13.56 22.45
CA ALA B 84 -21.10 14.63 23.36
C ALA B 84 -19.93 15.20 24.16
N GLU B 85 -19.01 14.35 24.56
CA GLU B 85 -17.82 14.77 25.27
C GLU B 85 -16.93 15.60 24.36
N ILE B 86 -16.72 15.10 23.14
CA ILE B 86 -16.01 15.83 22.12
C ILE B 86 -16.56 17.24 21.98
N LYS B 87 -17.88 17.39 22.02
CA LYS B 87 -18.48 18.71 21.92
C LYS B 87 -18.02 19.59 23.07
N LYS B 88 -17.99 19.02 24.27
CA LYS B 88 -17.54 19.74 25.45
C LYS B 88 -16.07 20.11 25.30
N LEU B 90 -14.51 20.51 22.68
CA LEU B 90 -14.40 21.48 21.59
C LEU B 90 -14.69 22.88 22.11
N ASP B 91 -15.58 22.98 23.09
CA ASP B 91 -15.92 24.24 23.70
C ASP B 91 -14.78 24.74 24.61
N LYS B 92 -14.29 23.85 25.47
CA LYS B 92 -13.22 24.23 26.39
C LYS B 92 -12.03 24.77 25.63
N LYS B 93 -11.86 24.35 24.38
CA LYS B 93 -10.77 24.85 23.55
C LYS B 93 -11.17 26.02 22.63
N GLN B 94 -12.42 26.45 22.73
CA GLN B 94 -12.91 27.63 22.04
C GLN B 94 -12.90 27.51 20.51
N TYR B 95 -12.95 26.30 20.00
CA TYR B 95 -12.99 26.11 18.57
C TYR B 95 -14.39 25.76 18.12
N SER B 96 -14.75 26.21 16.92
CA SER B 96 -16.06 25.91 16.36
C SER B 96 -15.88 25.12 15.08
N ILE B 97 -16.92 24.40 14.71
CA ILE B 97 -16.91 23.68 13.45
C ILE B 97 -17.32 24.60 12.32
N SER B 98 -16.61 24.52 11.20
CA SER B 98 -17.08 25.16 9.99
C SER B 98 -17.98 24.16 9.27
N ASN B 99 -17.39 23.04 8.85
CA ASN B 99 -18.16 22.00 8.18
C ASN B 99 -17.53 20.62 8.33
N ILE B 100 -18.30 19.57 8.07
CA ILE B 100 -17.83 18.20 8.14
C ILE B 100 -18.34 17.38 6.99
N ASP B 101 -17.45 16.65 6.35
CA ASP B 101 -17.86 15.78 5.26
C ASP B 101 -17.43 14.35 5.58
N CYS B 102 -18.40 13.45 5.54
CA CYS B 102 -18.15 12.05 5.85
C CYS B 102 -18.37 11.23 4.60
N THR B 103 -17.55 10.18 4.46
CA THR B 103 -17.74 9.22 3.40
C THR B 103 -17.77 7.81 3.98
N ILE B 104 -18.94 7.17 3.89
CA ILE B 104 -19.09 5.79 4.28
C ILE B 104 -18.79 4.86 3.10
N ILE B 105 -17.99 3.84 3.37
CA ILE B 105 -17.61 2.88 2.35
C ILE B 105 -18.22 1.54 2.74
N ALA B 106 -19.22 1.12 1.98
CA ALA B 106 -19.97 -0.07 2.30
C ALA B 106 -20.50 -0.70 1.03
N GLN B 107 -20.50 -2.04 0.96
CA GLN B 107 -21.28 -2.75 -0.06
C GLN B 107 -22.75 -2.90 0.39
N ALA B 108 -22.92 -3.25 1.66
CA ALA B 108 -24.23 -3.37 2.30
C ALA B 108 -24.12 -2.97 3.77
N PRO B 109 -25.25 -2.57 4.39
CA PRO B 109 -26.57 -2.45 3.76
C PRO B 109 -26.68 -1.10 3.11
N LYS B 110 -27.84 -0.78 2.55
CA LYS B 110 -27.98 0.52 1.93
C LYS B 110 -28.05 1.61 2.98
N LEU B 112 -28.55 4.92 2.13
CA LEU B 112 -29.36 6.04 1.67
C LEU B 112 -30.62 6.36 2.49
N PRO B 113 -31.41 5.34 2.82
CA PRO B 113 -32.60 5.64 3.63
C PRO B 113 -32.25 6.31 4.95
N HIS B 114 -31.07 6.00 5.48
CA HIS B 114 -30.73 6.36 6.85
C HIS B 114 -29.89 7.63 7.02
N ILE B 115 -29.49 8.23 5.90
CA ILE B 115 -28.48 9.27 5.94
C ILE B 115 -29.01 10.53 6.58
N GLU B 116 -30.23 10.92 6.22
CA GLU B 116 -30.77 12.14 6.77
C GLU B 116 -31.02 12.05 8.28
N LYS B 117 -31.36 10.84 8.75
CA LYS B 117 -31.46 10.62 10.19
C LYS B 117 -30.11 10.82 10.86
N ARG B 119 -27.55 12.53 9.84
CA ARG B 119 -27.18 13.93 9.83
C ARG B 119 -27.87 14.67 10.99
N ALA B 120 -29.16 14.45 11.15
CA ALA B 120 -29.89 15.20 12.17
C ALA B 120 -29.40 14.79 13.55
N CYS B 121 -29.31 13.48 13.77
CA CYS B 121 -28.86 12.98 15.05
C CYS B 121 -27.55 13.67 15.46
N LEU B 122 -26.59 13.70 14.53
CA LEU B 122 -25.25 14.21 14.79
C LEU B 122 -25.16 15.72 14.91
N ALA B 123 -25.90 16.45 14.06
CA ALA B 123 -25.80 17.90 14.07
C ALA B 123 -26.38 18.34 15.40
N ASN B 124 -27.37 17.59 15.85
CA ASN B 124 -28.01 17.90 17.10
C ASN B 124 -27.03 17.76 18.24
N ILE B 125 -26.34 16.63 18.33
CA ILE B 125 -25.39 16.42 19.42
C ILE B 125 -24.29 17.47 19.39
N LEU B 126 -23.88 17.87 18.19
CA LEU B 126 -22.77 18.81 18.03
C LEU B 126 -23.22 20.25 18.09
N GLU B 127 -24.53 20.45 18.21
CA GLU B 127 -25.12 21.78 18.16
C GLU B 127 -24.67 22.59 16.94
N ILE B 128 -24.81 21.99 15.77
CA ILE B 128 -24.60 22.69 14.51
C ILE B 128 -25.81 22.53 13.58
N GLN B 129 -25.89 23.40 12.58
CA GLN B 129 -26.86 23.27 11.51
C GLN B 129 -26.63 21.95 10.77
N ILE B 130 -27.71 21.30 10.37
CA ILE B 130 -27.60 20.11 9.54
C ILE B 130 -26.73 20.35 8.31
N SER B 131 -26.85 21.52 7.70
CA SER B 131 -26.11 21.81 6.48
C SER B 131 -24.59 21.84 6.70
N GLN B 132 -24.15 21.82 7.95
CA GLN B 132 -22.72 21.84 8.22
C GLN B 132 -22.11 20.44 8.27
N ILE B 133 -22.95 19.41 8.19
CA ILE B 133 -22.41 18.06 8.14
C ILE B 133 -23.01 17.26 7.01
N ASN B 134 -22.13 16.89 6.08
CA ASN B 134 -22.49 16.10 4.92
C ASN B 134 -22.10 14.64 5.12
N ILE B 135 -22.91 13.75 4.60
CA ILE B 135 -22.65 12.34 4.66
C ILE B 135 -22.97 11.73 3.30
N LYS B 136 -22.03 10.95 2.76
CA LYS B 136 -22.27 10.23 1.52
C LYS B 136 -21.87 8.78 1.65
N ALA B 137 -22.35 7.96 0.73
CA ALA B 137 -21.98 6.56 0.75
C ALA B 137 -21.59 6.06 -0.63
N THR B 138 -20.48 5.33 -0.67
CA THR B 138 -19.98 4.74 -1.91
C THR B 138 -19.70 3.25 -1.71
N THR B 139 -19.71 2.47 -2.79
CA THR B 139 -19.22 1.09 -2.68
C THR B 139 -17.79 0.99 -3.20
N THR B 140 -17.19 -0.20 -3.04
CA THR B 140 -15.92 -0.60 -3.64
C THR B 140 -16.17 -1.43 -4.89
N GLU B 141 -17.43 -1.54 -5.25
CA GLU B 141 -17.82 -2.27 -6.45
C GLU B 141 -17.50 -3.74 -6.36
N ARG B 142 -17.65 -4.32 -5.18
CA ARG B 142 -17.47 -5.75 -4.98
C ARG B 142 -16.02 -6.16 -4.77
N LEU B 143 -15.14 -5.19 -4.78
CA LEU B 143 -13.71 -5.43 -4.62
C LEU B 143 -13.26 -5.32 -3.15
N GLY B 144 -12.31 -6.17 -2.76
CA GLY B 144 -11.67 -6.04 -1.47
C GLY B 144 -12.57 -6.55 -0.36
N PHE B 145 -12.19 -6.29 0.88
CA PHE B 145 -12.95 -6.81 2.01
C PHE B 145 -14.32 -6.14 2.12
N ILE B 146 -14.38 -4.85 1.82
CA ILE B 146 -15.65 -4.15 1.76
C ILE B 146 -16.60 -4.77 0.72
N GLY B 147 -16.08 -5.05 -0.47
CA GLY B 147 -16.92 -5.57 -1.52
C GLY B 147 -17.39 -6.97 -1.24
N ARG B 148 -16.61 -7.68 -0.43
CA ARG B 148 -16.95 -9.05 -0.07
C ARG B 148 -17.93 -9.02 1.10
N GLU B 149 -18.26 -7.81 1.53
CA GLU B 149 -19.18 -7.56 2.62
C GLU B 149 -18.65 -8.06 3.96
N GLU B 150 -17.34 -8.07 4.11
CA GLU B 150 -16.75 -8.49 5.36
C GLU B 150 -16.77 -7.36 6.40
N GLY B 151 -16.89 -6.13 5.92
CA GLY B 151 -16.99 -4.98 6.82
C GLY B 151 -17.30 -3.67 6.11
N ILE B 152 -17.17 -2.56 6.84
CA ILE B 152 -17.23 -1.24 6.23
C ILE B 152 -16.29 -0.23 6.88
N ALA B 153 -16.24 0.97 6.30
CA ALA B 153 -15.26 1.96 6.71
C ALA B 153 -15.85 3.32 6.52
N THR B 154 -15.27 4.31 7.18
CA THR B 154 -15.67 5.68 6.92
C THR B 154 -14.47 6.58 7.01
N HIS B 155 -14.39 7.56 6.13
CA HIS B 155 -13.46 8.66 6.24
C HIS B 155 -14.27 9.83 6.66
N VAL B 156 -13.69 10.66 7.52
CA VAL B 156 -14.27 11.94 7.84
C VAL B 156 -13.22 13.02 7.78
N VAL B 157 -13.54 14.12 7.12
CA VAL B 157 -12.70 15.31 7.20
C VAL B 157 -13.50 16.41 7.86
N CYS B 158 -12.86 17.20 8.70
CA CYS B 158 -13.50 18.39 9.22
C CYS B 158 -12.61 19.61 9.12
N LEU B 159 -13.24 20.77 9.25
CA LEU B 159 -12.54 22.03 9.26
C LEU B 159 -13.01 22.82 10.48
N LEU B 160 -12.08 23.19 11.35
CA LEU B 160 -12.42 23.91 12.58
C LEU B 160 -11.81 25.30 12.53
N TYR B 161 -12.39 26.22 13.30
CA TYR B 161 -11.84 27.57 13.37
C TYR B 161 -12.10 28.21 14.72
N ARG B 162 -11.23 29.17 15.08
CA ARG B 162 -11.41 29.96 16.30
C ARG B 162 -11.51 31.44 15.95
N SER C 5 -4.44 33.51 1.63
CA SER C 5 -4.80 32.29 0.91
C SER C 5 -4.69 31.05 1.81
N PHE C 6 -5.60 30.11 1.62
CA PHE C 6 -5.52 28.83 2.32
C PHE C 6 -5.39 27.69 1.33
N ARG C 7 -4.62 26.66 1.70
CA ARG C 7 -4.41 25.50 0.85
C ARG C 7 -4.57 24.19 1.61
N ILE C 8 -5.09 23.17 0.93
CA ILE C 8 -5.35 21.88 1.55
C ILE C 8 -4.56 20.80 0.81
N GLY C 9 -3.74 20.04 1.52
CA GLY C 9 -3.18 18.83 0.95
C GLY C 9 -3.76 17.54 1.48
N HIS C 10 -3.50 16.45 0.76
CA HIS C 10 -3.73 15.10 1.22
C HIS C 10 -2.61 14.16 0.77
N GLY C 11 -1.93 13.49 1.70
CA GLY C 11 -1.03 12.41 1.33
C GLY C 11 -1.61 11.02 1.45
N TYR C 12 -1.12 10.10 0.63
CA TYR C 12 -1.43 8.69 0.82
C TYR C 12 -0.26 7.84 0.41
N ASP C 13 0.08 6.85 1.22
CA ASP C 13 1.19 5.96 0.92
C ASP C 13 0.98 4.59 1.50
N VAL C 14 1.50 3.58 0.83
CA VAL C 14 1.38 2.21 1.31
C VAL C 14 2.76 1.59 1.42
N HIS C 15 2.98 0.79 2.46
CA HIS C 15 4.23 0.06 2.62
C HIS C 15 4.02 -1.45 2.74
N LYS C 16 4.65 -2.20 1.84
CA LYS C 16 4.63 -3.65 1.89
C LYS C 16 5.71 -4.16 2.84
N PHE C 17 5.31 -4.93 3.84
CA PHE C 17 6.27 -5.51 4.77
C PHE C 17 7.18 -6.45 4.03
N THR C 18 8.46 -6.36 4.33
CA THR C 18 9.46 -7.16 3.66
C THR C 18 10.23 -7.98 4.69
N SER C 19 10.35 -9.28 4.43
N SER C 19 10.28 -9.30 4.48
CA SER C 19 11.04 -10.20 5.35
CA SER C 19 11.37 -10.10 5.02
C SER C 19 12.45 -9.72 5.69
C SER C 19 11.22 -11.61 4.83
N ALA C 20 12.86 -9.91 6.95
N ALA C 20 12.37 -12.28 4.92
CA ALA C 20 14.04 -9.20 7.47
CA ALA C 20 12.50 -13.72 4.80
C ALA C 20 15.40 -9.45 6.82
C ALA C 20 13.90 -13.99 5.32
N LYS C 21 16.06 -10.53 7.21
N LYS C 21 14.41 -15.20 5.08
CA LYS C 21 17.44 -10.78 6.76
CA LYS C 21 15.80 -15.51 5.42
C LYS C 21 17.73 -12.25 6.48
C LYS C 21 16.68 -14.44 4.79
N GLN C 22 18.07 -12.55 5.24
N GLN C 22 17.80 -14.13 5.44
CA GLN C 22 18.44 -13.92 4.87
CA GLN C 22 18.67 -13.06 4.98
C GLN C 22 19.66 -13.94 3.95
C GLN C 22 19.81 -13.47 4.02
N ASN C 23 20.32 -15.09 3.88
N ASN C 23 20.07 -14.76 3.83
CA ASN C 23 21.49 -15.21 3.01
CA ASN C 23 21.19 -15.15 2.95
C ASN C 23 21.48 -16.52 2.23
C ASN C 23 21.04 -16.45 2.15
N ILE C 24 21.52 -16.41 0.92
CA ILE C 24 21.65 -17.61 0.08
C ILE C 24 23.05 -17.58 -0.47
N ILE C 25 23.55 -18.77 -0.79
CA ILE C 25 24.76 -18.86 -1.57
C ILE C 25 24.32 -19.29 -2.95
N ILE C 26 24.74 -18.53 -3.95
CA ILE C 26 24.51 -18.90 -5.35
C ILE C 26 25.81 -18.75 -6.10
N GLY C 27 26.20 -19.79 -6.82
CA GLY C 27 27.49 -19.78 -7.50
C GLY C 27 28.66 -19.37 -6.61
N GLY C 28 28.71 -19.87 -5.39
CA GLY C 28 29.83 -19.63 -4.50
C GLY C 28 29.90 -18.22 -3.95
N VAL C 29 28.81 -17.48 -4.09
CA VAL C 29 28.75 -16.10 -3.69
C VAL C 29 27.57 -15.88 -2.73
N GLU C 30 27.83 -15.24 -1.60
CA GLU C 30 26.79 -15.00 -0.62
C GLU C 30 26.01 -13.71 -0.90
N ILE C 31 24.69 -13.83 -0.89
CA ILE C 31 23.84 -12.70 -1.20
C ILE C 31 22.87 -12.39 -0.06
N ALA C 32 23.00 -11.18 0.49
CA ALA C 32 22.03 -10.71 1.47
C ALA C 32 20.83 -10.16 0.71
N TYR C 33 19.64 -10.65 1.04
CA TYR C 33 18.47 -10.21 0.32
C TYR C 33 17.28 -9.98 1.24
N HIS C 34 16.27 -9.33 0.69
CA HIS C 34 15.01 -9.14 1.37
C HIS C 34 13.91 -9.59 0.42
N LEU C 35 12.96 -10.36 0.96
CA LEU C 35 11.89 -10.93 0.16
C LEU C 35 10.62 -10.07 0.14
N GLY C 36 9.98 -9.99 -1.03
CA GLY C 36 8.82 -9.13 -1.21
C GLY C 36 9.24 -7.68 -1.15
N LEU C 37 10.27 -7.34 -1.92
CA LEU C 37 10.81 -5.98 -1.92
C LEU C 37 10.72 -5.32 -3.29
N ASP C 42 12.64 0.72 2.05
CA ASP C 42 13.22 1.70 2.96
C ASP C 42 12.32 2.92 3.09
N GLY C 43 11.21 2.89 2.37
CA GLY C 43 10.26 3.99 2.40
C GLY C 43 9.51 4.12 3.71
N ASP C 44 9.54 5.33 4.27
CA ASP C 44 8.80 5.67 5.48
C ASP C 44 7.45 6.20 5.00
N VAL C 45 6.38 5.46 5.27
CA VAL C 45 5.04 5.81 4.77
C VAL C 45 4.57 7.18 5.24
N LEU C 46 4.76 7.46 6.51
CA LEU C 46 4.23 8.68 7.09
C LEU C 46 4.93 9.92 6.55
N ILE C 47 6.25 9.87 6.47
CA ILE C 47 6.98 11.02 5.93
C ILE C 47 6.70 11.14 4.43
N HIS C 48 6.48 10.01 3.77
CA HIS C 48 6.14 10.02 2.36
C HIS C 48 4.75 10.61 2.09
N ALA C 49 3.73 10.12 2.81
CA ALA C 49 2.38 10.68 2.67
C ALA C 49 2.38 12.14 3.06
N LEU C 50 3.13 12.47 4.10
CA LEU C 50 3.21 13.83 4.60
C LEU C 50 3.80 14.78 3.54
N CYS C 51 4.89 14.36 2.92
CA CYS C 51 5.47 15.10 1.81
C CYS C 51 4.49 15.28 0.66
N ASP C 52 3.80 14.21 0.28
CA ASP C 52 2.81 14.30 -0.78
C ASP C 52 1.71 15.30 -0.43
N ALA C 53 1.22 15.24 0.80
CA ALA C 53 0.18 16.15 1.26
C ALA C 53 0.61 17.61 1.10
N ILE C 54 1.78 17.93 1.62
CA ILE C 54 2.28 19.30 1.56
C ILE C 54 2.53 19.77 0.13
N LEU C 55 3.17 18.93 -0.67
CA LEU C 55 3.41 19.27 -2.06
C LEU C 55 2.10 19.38 -2.83
N GLY C 56 1.18 18.47 -2.58
CA GLY C 56 -0.11 18.50 -3.22
C GLY C 56 -0.84 19.78 -2.89
N ALA C 57 -0.72 20.22 -1.64
CA ALA C 57 -1.34 21.47 -1.22
C ALA C 57 -0.79 22.61 -2.05
N LEU C 58 0.45 22.47 -2.49
CA LEU C 58 1.12 23.56 -3.19
C LEU C 58 0.99 23.51 -4.71
N GLY C 59 0.36 22.46 -5.22
CA GLY C 59 0.21 22.31 -6.66
C GLY C 59 1.50 21.82 -7.30
N LEU C 60 2.35 21.22 -6.48
CA LEU C 60 3.66 20.73 -6.92
C LEU C 60 3.72 19.24 -7.29
N GLY C 61 2.58 18.55 -7.30
CA GLY C 61 2.57 17.12 -7.57
C GLY C 61 2.90 16.31 -6.33
N ASP C 62 3.65 15.22 -6.51
CA ASP C 62 4.08 14.41 -5.38
C ASP C 62 5.59 14.48 -5.19
N ILE C 63 6.10 13.78 -4.18
CA ILE C 63 7.51 13.80 -3.88
C ILE C 63 8.34 13.27 -5.05
N GLY C 64 7.72 12.41 -5.86
CA GLY C 64 8.39 11.79 -6.99
C GLY C 64 8.68 12.72 -8.17
N LYS C 65 8.06 13.89 -8.18
CA LYS C 65 8.37 14.89 -9.20
C LYS C 65 9.64 15.69 -8.91
N HIS C 66 9.88 16.00 -7.64
CA HIS C 66 11.08 16.72 -7.24
C HIS C 66 12.23 15.78 -6.87
N PHE C 67 11.92 14.49 -6.73
CA PHE C 67 12.88 13.51 -6.21
C PHE C 67 13.50 13.93 -4.87
N ASN C 76 17.50 5.22 -2.79
CA ASN C 76 17.09 5.29 -1.39
C ASN C 76 17.93 6.29 -0.59
N ILE C 77 17.37 6.75 0.52
CA ILE C 77 18.00 7.74 1.41
C ILE C 77 17.07 7.90 2.60
N ASP C 78 17.59 8.46 3.68
CA ASP C 78 16.79 8.76 4.86
C ASP C 78 15.66 9.71 4.47
N SER C 79 14.43 9.34 4.82
CA SER C 79 13.27 10.15 4.46
C SER C 79 13.20 11.48 5.23
N LYS C 80 13.78 11.50 6.43
CA LYS C 80 13.79 12.71 7.27
C LYS C 80 14.46 13.82 6.50
N PHE C 81 15.15 13.44 5.43
CA PHE C 81 15.84 14.37 4.57
C PHE C 81 14.85 15.14 3.73
N PHE C 82 14.11 14.40 2.90
CA PHE C 82 13.13 15.00 2.02
C PHE C 82 12.25 15.98 2.75
N LEU C 83 11.88 15.66 3.99
CA LEU C 83 11.08 16.58 4.77
C LEU C 83 11.80 17.91 4.90
N ALA C 84 13.04 17.88 5.36
CA ALA C 84 13.84 19.09 5.49
C ALA C 84 13.82 19.90 4.20
N GLU C 85 13.92 19.20 3.08
CA GLU C 85 13.81 19.82 1.77
C GLU C 85 12.44 20.46 1.58
N ILE C 86 11.38 19.69 1.76
CA ILE C 86 10.05 20.22 1.58
C ILE C 86 9.88 21.42 2.50
N LYS C 87 10.49 21.35 3.68
CA LYS C 87 10.45 22.47 4.62
C LYS C 87 11.01 23.72 3.99
N LYS C 88 12.22 23.62 3.47
CA LYS C 88 12.89 24.77 2.89
C LYS C 88 12.15 25.29 1.66
N LEU C 90 9.16 25.04 1.22
CA LEU C 90 7.91 25.57 1.77
C LEU C 90 8.10 27.04 2.08
N ASP C 91 9.32 27.40 2.46
CA ASP C 91 9.66 28.78 2.74
C ASP C 91 9.84 29.55 1.44
N LYS C 92 10.35 28.86 0.43
CA LYS C 92 10.51 29.47 -0.89
C LYS C 92 9.19 30.05 -1.36
N LYS C 93 8.11 29.37 -1.02
CA LYS C 93 6.78 29.78 -1.45
C LYS C 93 6.08 30.73 -0.48
N GLN C 94 6.67 30.91 0.71
CA GLN C 94 6.11 31.82 1.72
C GLN C 94 4.82 31.32 2.39
N TYR C 95 4.34 30.15 1.96
CA TYR C 95 3.30 29.43 2.68
C TYR C 95 3.86 28.84 3.98
N SER C 96 3.04 28.80 5.02
CA SER C 96 3.42 28.20 6.29
C SER C 96 2.36 27.21 6.78
N ILE C 97 2.83 26.14 7.42
CA ILE C 97 1.93 25.11 7.93
C ILE C 97 1.00 25.64 9.01
N SER C 98 -0.30 25.41 8.82
CA SER C 98 -1.29 25.66 9.85
C SER C 98 -1.36 24.47 10.78
N ASN C 99 -1.79 23.33 10.26
CA ASN C 99 -1.69 22.06 10.98
C ASN C 99 -1.73 20.82 10.09
N ILE C 100 -1.30 19.69 10.66
CA ILE C 100 -1.33 18.42 9.97
C ILE C 100 -2.04 17.39 10.81
N ASP C 101 -2.88 16.59 10.17
CA ASP C 101 -3.42 15.41 10.82
C ASP C 101 -2.99 14.15 10.06
N CYS C 102 -2.47 13.18 10.78
CA CYS C 102 -2.01 11.94 10.17
C CYS C 102 -2.74 10.74 10.74
N THR C 103 -3.24 9.89 9.86
CA THR C 103 -3.81 8.62 10.27
C THR C 103 -2.94 7.48 9.75
N ILE C 104 -2.38 6.72 10.68
CA ILE C 104 -1.63 5.52 10.34
C ILE C 104 -2.56 4.32 10.37
N ILE C 105 -2.54 3.52 9.33
CA ILE C 105 -3.40 2.36 9.28
C ILE C 105 -2.56 1.10 9.34
N ALA C 106 -2.61 0.42 10.47
CA ALA C 106 -1.79 -0.78 10.67
C ALA C 106 -2.44 -1.73 11.65
N GLN C 107 -2.35 -3.03 11.36
CA GLN C 107 -2.74 -4.04 12.34
C GLN C 107 -1.56 -4.17 13.29
N ALA C 108 -0.36 -4.19 12.71
CA ALA C 108 0.90 -4.28 13.45
C ALA C 108 2.00 -3.48 12.75
N PRO C 109 3.04 -3.06 13.48
CA PRO C 109 3.28 -3.17 14.93
C PRO C 109 2.45 -2.19 15.74
N LYS C 110 2.72 -2.08 17.04
CA LYS C 110 1.99 -1.14 17.87
C LYS C 110 2.55 0.27 17.73
N LEU C 112 1.26 3.05 19.37
CA LEU C 112 0.95 3.94 20.48
C LEU C 112 2.19 4.56 21.15
N PRO C 113 3.09 3.72 21.68
CA PRO C 113 4.24 4.29 22.40
C PRO C 113 5.05 5.30 21.57
N HIS C 114 5.30 4.96 20.31
CA HIS C 114 6.21 5.73 19.47
C HIS C 114 5.61 7.01 18.88
N ILE C 115 4.29 7.16 18.95
CA ILE C 115 3.61 8.31 18.35
C ILE C 115 4.24 9.63 18.77
N GLU C 116 4.42 9.79 20.08
CA GLU C 116 4.88 11.07 20.62
C GLU C 116 6.29 11.45 20.15
N LYS C 117 7.10 10.44 19.87
CA LYS C 117 8.43 10.68 19.33
C LYS C 117 8.33 11.12 17.88
N ARG C 119 5.88 12.80 16.41
CA ARG C 119 5.48 14.19 16.43
C ARG C 119 6.64 15.08 16.84
N ALA C 120 7.40 14.61 17.83
CA ALA C 120 8.59 15.34 18.26
C ALA C 120 9.51 15.54 17.07
N CYS C 121 9.87 14.43 16.43
CA CYS C 121 10.79 14.44 15.30
C CYS C 121 10.31 15.39 14.20
N LEU C 122 9.16 15.08 13.61
CA LEU C 122 8.60 15.86 12.51
C LEU C 122 8.39 17.33 12.84
N ALA C 123 7.94 17.62 14.06
CA ALA C 123 7.79 19.01 14.50
C ALA C 123 9.15 19.72 14.40
N ASN C 124 10.17 19.07 14.93
CA ASN C 124 11.50 19.65 14.92
C ASN C 124 12.01 19.92 13.51
N ILE C 125 11.71 19.03 12.58
CA ILE C 125 12.19 19.17 11.21
C ILE C 125 11.45 20.26 10.44
N LEU C 126 10.17 20.44 10.75
CA LEU C 126 9.34 21.42 10.07
C LEU C 126 9.34 22.73 10.84
N GLU C 127 10.05 22.73 11.96
CA GLU C 127 10.12 23.90 12.82
C GLU C 127 8.72 24.42 13.11
N ILE C 128 7.86 23.53 13.59
CA ILE C 128 6.54 23.92 14.05
C ILE C 128 6.30 23.38 15.45
N GLN C 129 5.14 23.71 15.99
CA GLN C 129 4.73 23.22 17.29
C GLN C 129 4.26 21.80 17.17
N ILE C 130 4.62 20.99 18.16
CA ILE C 130 4.09 19.63 18.27
C ILE C 130 2.56 19.61 18.13
N SER C 131 1.91 20.56 18.80
CA SER C 131 0.45 20.64 18.80
C SER C 131 -0.14 20.88 17.41
N GLN C 132 0.71 21.31 16.48
CA GLN C 132 0.22 21.65 15.15
C GLN C 132 0.19 20.42 14.28
N ILE C 133 0.79 19.35 14.74
CA ILE C 133 0.79 18.12 13.97
C ILE C 133 0.31 16.94 14.78
N ASN C 134 -0.72 16.28 14.28
CA ASN C 134 -1.37 15.21 15.01
C ASN C 134 -1.12 13.88 14.32
N ILE C 135 -1.01 12.82 15.12
CA ILE C 135 -0.82 11.49 14.57
C ILE C 135 -1.65 10.49 15.36
N LYS C 136 -2.46 9.72 14.64
CA LYS C 136 -3.29 8.72 15.30
C LYS C 136 -3.10 7.41 14.56
N ALA C 137 -3.54 6.31 15.13
CA ALA C 137 -3.31 5.02 14.49
C ALA C 137 -4.51 4.12 14.64
N THR C 138 -4.92 3.51 13.53
CA THR C 138 -6.09 2.66 13.54
C THR C 138 -5.85 1.33 12.87
N THR C 139 -6.77 0.42 13.08
CA THR C 139 -6.65 -0.96 12.68
C THR C 139 -7.80 -1.25 11.73
N THR C 140 -7.59 -2.18 10.80
CA THR C 140 -8.66 -2.58 9.88
C THR C 140 -9.44 -3.77 10.43
N GLU C 141 -9.18 -4.10 11.68
CA GLU C 141 -9.86 -5.18 12.34
C GLU C 141 -9.57 -6.49 11.61
N ARG C 142 -8.31 -6.67 11.26
CA ARG C 142 -7.83 -7.91 10.65
C ARG C 142 -8.47 -8.14 9.28
N LEU C 143 -8.80 -7.06 8.61
CA LEU C 143 -9.48 -7.17 7.31
C LEU C 143 -8.58 -6.59 6.23
N GLY C 144 -8.59 -7.24 5.08
CA GLY C 144 -7.82 -6.76 3.95
C GLY C 144 -6.33 -7.03 4.05
N PHE C 145 -5.56 -6.41 3.19
CA PHE C 145 -4.13 -6.69 3.20
C PHE C 145 -3.45 -6.18 4.45
N ILE C 146 -3.88 -5.01 4.92
CA ILE C 146 -3.37 -4.45 6.17
C ILE C 146 -3.65 -5.33 7.38
N GLY C 147 -4.80 -6.01 7.35
CA GLY C 147 -5.19 -6.88 8.45
C GLY C 147 -4.54 -8.25 8.40
N ARG C 148 -4.14 -8.67 7.21
CA ARG C 148 -3.39 -9.91 7.04
C ARG C 148 -1.93 -9.61 7.33
N GLU C 149 -1.65 -8.33 7.64
CA GLU C 149 -0.31 -7.86 8.02
C GLU C 149 0.67 -7.92 6.86
N GLU C 150 0.15 -7.80 5.65
CA GLU C 150 0.97 -7.74 4.47
C GLU C 150 1.59 -6.37 4.33
N GLY C 151 0.99 -5.38 4.98
CA GLY C 151 1.48 -4.02 4.84
C GLY C 151 0.85 -3.00 5.77
N ILE C 152 1.25 -1.75 5.57
CA ILE C 152 0.67 -0.63 6.28
C ILE C 152 0.50 0.58 5.35
N ALA C 153 -0.45 1.45 5.68
CA ALA C 153 -0.74 2.64 4.88
C ALA C 153 -0.78 3.89 5.75
N THR C 154 -0.73 5.06 5.12
CA THR C 154 -0.98 6.31 5.84
C THR C 154 -1.68 7.38 5.02
N HIS C 155 -2.67 8.02 5.64
CA HIS C 155 -3.24 9.25 5.12
C HIS C 155 -2.69 10.43 5.89
N VAL C 156 -2.44 11.53 5.19
CA VAL C 156 -2.10 12.77 5.84
C VAL C 156 -2.89 13.85 5.15
N VAL C 157 -3.53 14.70 5.93
CA VAL C 157 -4.13 15.91 5.40
C VAL C 157 -3.45 17.12 6.05
N CYS C 158 -3.24 18.17 5.28
CA CYS C 158 -2.66 19.36 5.87
C CYS C 158 -3.34 20.62 5.37
N LEU C 159 -3.17 21.69 6.14
CA LEU C 159 -3.70 22.99 5.78
C LEU C 159 -2.56 24.00 5.81
N LEU C 160 -2.38 24.70 4.70
CA LEU C 160 -1.35 25.71 4.58
C LEU C 160 -2.00 27.09 4.40
N TYR C 161 -1.27 28.13 4.80
CA TYR C 161 -1.74 29.50 4.65
C TYR C 161 -0.59 30.43 4.29
N ARG C 162 -0.89 31.53 3.60
CA ARG C 162 0.14 32.52 3.26
C ARG C 162 -0.40 33.93 3.46
N ALA D 3 -15.57 37.72 7.53
CA ALA D 3 -16.82 37.06 7.14
C ALA D 3 -16.57 36.07 6.01
N SER D 5 -16.23 32.45 4.48
CA SER D 5 -16.62 31.08 4.69
C SER D 5 -15.64 30.12 4.00
N PHE D 6 -15.14 29.14 4.76
CA PHE D 6 -14.36 28.05 4.18
C PHE D 6 -15.02 26.70 4.42
N ARG D 7 -14.96 25.83 3.41
CA ARG D 7 -15.57 24.51 3.50
C ARG D 7 -14.63 23.47 2.94
N ILE D 8 -14.47 22.39 3.68
CA ILE D 8 -13.60 21.32 3.28
C ILE D 8 -14.48 20.24 2.69
N GLY D 9 -13.97 19.49 1.71
CA GLY D 9 -14.77 18.42 1.17
C GLY D 9 -13.89 17.26 0.77
N HIS D 10 -14.46 16.08 0.74
CA HIS D 10 -13.68 14.87 0.50
C HIS D 10 -14.53 13.93 -0.30
N GLY D 11 -13.90 13.23 -1.24
CA GLY D 11 -14.63 12.23 -1.98
C GLY D 11 -13.70 11.11 -2.38
N TYR D 12 -14.30 9.94 -2.54
CA TYR D 12 -13.53 8.73 -2.76
C TYR D 12 -14.30 7.85 -3.70
N ASP D 13 -13.64 7.35 -4.73
CA ASP D 13 -14.32 6.48 -5.68
C ASP D 13 -13.47 5.29 -6.07
N VAL D 14 -14.15 4.21 -6.43
CA VAL D 14 -13.50 3.00 -6.88
C VAL D 14 -14.08 2.57 -8.21
N HIS D 15 -13.21 2.22 -9.15
CA HIS D 15 -13.63 1.69 -10.43
C HIS D 15 -13.07 0.29 -10.63
N LYS D 16 -13.94 -0.68 -10.86
CA LYS D 16 -13.53 -2.04 -11.14
C LYS D 16 -13.29 -2.18 -12.65
N PHE D 17 -12.12 -2.72 -13.02
CA PHE D 17 -11.81 -2.96 -14.43
C PHE D 17 -12.80 -3.91 -15.08
N THR D 18 -13.19 -3.55 -16.28
CA THR D 18 -14.14 -4.34 -17.03
C THR D 18 -13.36 -5.05 -18.13
N SER D 19 -13.51 -6.36 -18.21
CA SER D 19 -12.80 -7.11 -19.21
C SER D 19 -13.55 -7.01 -20.53
N ALA D 20 -12.91 -6.42 -21.54
CA ALA D 20 -13.47 -6.47 -22.89
C ALA D 20 -13.33 -7.92 -23.37
N LYS D 21 -14.44 -8.50 -23.81
CA LYS D 21 -14.41 -9.88 -24.29
C LYS D 21 -15.08 -10.07 -25.64
N GLN D 22 -14.86 -11.23 -26.23
CA GLN D 22 -15.37 -11.53 -27.56
C GLN D 22 -16.89 -11.39 -27.63
N ASN D 23 -17.36 -10.75 -28.69
CA ASN D 23 -18.78 -10.71 -28.99
C ASN D 23 -19.27 -12.13 -29.14
N ILE D 24 -20.54 -12.35 -28.83
CA ILE D 24 -21.05 -13.70 -28.83
C ILE D 24 -22.31 -13.82 -29.70
N ILE D 25 -22.60 -15.03 -30.16
CA ILE D 25 -23.84 -15.31 -30.87
C ILE D 25 -24.79 -16.16 -30.04
N ILE D 26 -25.94 -15.57 -29.70
CA ILE D 26 -27.03 -16.24 -29.00
C ILE D 26 -28.28 -16.16 -29.86
N GLY D 27 -28.89 -17.32 -30.16
CA GLY D 27 -30.13 -17.32 -30.90
C GLY D 27 -30.00 -16.58 -32.21
N GLY D 28 -28.87 -16.77 -32.89
CA GLY D 28 -28.66 -16.17 -34.19
C GLY D 28 -28.32 -14.70 -34.16
N VAL D 29 -28.38 -14.10 -32.97
CA VAL D 29 -28.11 -12.68 -32.81
C VAL D 29 -26.70 -12.42 -32.25
N GLU D 30 -26.08 -11.32 -32.66
CA GLU D 30 -24.75 -10.97 -32.17
C GLU D 30 -24.81 -9.87 -31.10
N ILE D 31 -24.11 -10.08 -30.00
CA ILE D 31 -24.18 -9.16 -28.87
C ILE D 31 -22.82 -8.73 -28.37
N ALA D 32 -22.71 -7.47 -27.98
CA ALA D 32 -21.49 -6.95 -27.38
C ALA D 32 -21.51 -7.13 -25.86
N TYR D 33 -20.56 -7.90 -25.35
CA TYR D 33 -20.42 -8.10 -23.92
C TYR D 33 -19.30 -7.20 -23.41
N HIS D 34 -19.50 -6.59 -22.23
CA HIS D 34 -18.54 -5.63 -21.69
C HIS D 34 -17.82 -6.14 -20.42
N GLY D 43 -17.32 5.71 -17.03
CA GLY D 43 -17.08 6.05 -15.64
C GLY D 43 -15.65 6.49 -15.36
N ASP D 44 -15.50 7.75 -14.92
CA ASP D 44 -14.19 8.34 -14.61
C ASP D 44 -13.97 8.45 -13.08
N VAL D 45 -13.10 7.60 -12.55
CA VAL D 45 -13.00 7.47 -11.09
C VAL D 45 -12.57 8.77 -10.44
N LEU D 46 -11.66 9.52 -11.07
CA LEU D 46 -11.21 10.79 -10.52
C LEU D 46 -12.31 11.86 -10.47
N ILE D 47 -12.99 12.08 -11.59
CA ILE D 47 -14.02 13.12 -11.66
C ILE D 47 -15.20 12.84 -10.72
N HIS D 48 -15.57 11.57 -10.59
CA HIS D 48 -16.54 11.14 -9.62
C HIS D 48 -16.12 11.60 -8.22
N ALA D 49 -14.96 11.14 -7.74
CA ALA D 49 -14.47 11.55 -6.42
C ALA D 49 -14.44 13.07 -6.26
N LEU D 50 -14.09 13.76 -7.34
CA LEU D 50 -13.97 15.21 -7.33
C LEU D 50 -15.33 15.88 -7.13
N CYS D 51 -16.31 15.46 -7.92
CA CYS D 51 -17.69 15.94 -7.76
C CYS D 51 -18.24 15.65 -6.36
N ASP D 52 -17.93 14.49 -5.82
CA ASP D 52 -18.32 14.12 -4.48
C ASP D 52 -17.65 15.02 -3.45
N ALA D 53 -16.39 15.36 -3.68
CA ALA D 53 -15.68 16.23 -2.76
C ALA D 53 -16.33 17.61 -2.68
N ILE D 54 -16.80 18.09 -3.82
CA ILE D 54 -17.37 19.44 -3.93
C ILE D 54 -18.80 19.52 -3.43
N LEU D 55 -19.64 18.58 -3.83
CA LEU D 55 -20.98 18.48 -3.27
C LEU D 55 -20.85 18.25 -1.78
N GLY D 56 -19.85 17.47 -1.39
CA GLY D 56 -19.61 17.17 0.00
C GLY D 56 -19.36 18.44 0.80
N ALA D 57 -18.41 19.23 0.33
CA ALA D 57 -18.09 20.47 1.02
C ALA D 57 -19.29 21.38 1.11
N LEU D 58 -20.27 21.19 0.22
CA LEU D 58 -21.45 22.06 0.18
C LEU D 58 -22.68 21.55 0.94
N GLY D 59 -22.58 20.38 1.57
CA GLY D 59 -23.73 19.78 2.24
C GLY D 59 -24.78 19.29 1.26
N LEU D 60 -24.35 19.05 0.03
CA LEU D 60 -25.23 18.60 -1.05
C LEU D 60 -25.24 17.08 -1.21
N GLY D 61 -24.66 16.37 -0.25
CA GLY D 61 -24.59 14.92 -0.28
C GLY D 61 -23.55 14.43 -1.28
N ASP D 62 -23.97 13.57 -2.21
CA ASP D 62 -23.06 13.15 -3.27
C ASP D 62 -23.66 13.32 -4.65
N ILE D 63 -22.88 12.99 -5.66
CA ILE D 63 -23.32 12.97 -7.06
C ILE D 63 -24.51 12.04 -7.22
N GLY D 64 -24.51 10.93 -6.49
CA GLY D 64 -25.59 9.96 -6.50
C GLY D 64 -26.97 10.54 -6.17
N LYS D 65 -27.05 11.40 -5.15
CA LYS D 65 -28.31 12.06 -4.85
C LYS D 65 -28.89 12.68 -6.11
N HIS D 66 -28.22 13.71 -6.61
CA HIS D 66 -28.70 14.50 -7.75
C HIS D 66 -28.78 13.76 -9.09
N PHE D 67 -28.32 12.51 -9.13
CA PHE D 67 -28.44 11.71 -10.36
C PHE D 67 -28.68 10.23 -10.03
N ASN D 76 -23.17 6.68 -18.20
CA ASN D 76 -23.71 6.70 -19.55
C ASN D 76 -23.06 7.79 -20.39
N ILE D 77 -22.89 8.96 -19.77
CA ILE D 77 -22.51 10.18 -20.48
C ILE D 77 -21.10 10.63 -20.07
N ASP D 78 -20.46 11.40 -20.95
CA ASP D 78 -19.10 11.86 -20.73
C ASP D 78 -18.97 12.53 -19.37
N SER D 79 -18.04 12.03 -18.57
CA SER D 79 -17.80 12.53 -17.23
C SER D 79 -17.65 14.05 -17.20
N LYS D 80 -16.94 14.59 -18.18
CA LYS D 80 -16.72 16.03 -18.28
C LYS D 80 -18.01 16.83 -18.12
N PHE D 81 -19.08 16.35 -18.75
CA PHE D 81 -20.35 17.01 -18.61
C PHE D 81 -20.71 17.29 -17.15
N PHE D 82 -20.64 16.26 -16.30
CA PHE D 82 -21.04 16.40 -14.89
C PHE D 82 -20.21 17.40 -14.14
N LEU D 83 -18.91 17.37 -14.37
CA LEU D 83 -18.03 18.34 -13.76
C LEU D 83 -18.51 19.73 -14.16
N ALA D 84 -18.91 19.89 -15.41
CA ALA D 84 -19.42 21.17 -15.87
C ALA D 84 -20.73 21.58 -15.16
N GLU D 85 -21.54 20.59 -14.80
CA GLU D 85 -22.73 20.87 -14.01
C GLU D 85 -22.34 21.29 -12.62
N ILE D 86 -21.43 20.53 -12.01
CA ILE D 86 -20.90 20.84 -10.69
C ILE D 86 -20.30 22.24 -10.66
N LYS D 87 -19.65 22.66 -11.73
CA LYS D 87 -19.12 24.01 -11.83
C LYS D 87 -20.26 25.03 -11.79
N LYS D 88 -21.37 24.70 -12.43
CA LYS D 88 -22.55 25.54 -12.40
C LYS D 88 -23.20 25.61 -11.03
N LEU D 90 -21.74 25.05 -8.23
CA LEU D 90 -20.78 25.77 -7.41
C LEU D 90 -20.96 27.27 -7.59
N ASP D 91 -21.12 27.69 -8.86
CA ASP D 91 -21.25 29.12 -9.19
C ASP D 91 -22.54 29.74 -8.67
N LYS D 92 -23.61 28.95 -8.65
CA LYS D 92 -24.92 29.36 -8.16
C LYS D 92 -24.96 29.49 -6.64
N LYS D 93 -24.42 28.52 -5.93
CA LYS D 93 -24.30 28.58 -4.47
C LYS D 93 -23.26 29.63 -4.09
N GLN D 94 -22.66 30.24 -5.10
CA GLN D 94 -21.77 31.39 -4.91
C GLN D 94 -20.53 31.05 -4.09
N TYR D 95 -19.88 29.97 -4.48
CA TYR D 95 -18.64 29.55 -3.85
C TYR D 95 -17.52 29.44 -4.88
N SER D 96 -16.28 29.50 -4.39
CA SER D 96 -15.12 29.44 -5.24
C SER D 96 -14.17 28.38 -4.76
N ILE D 97 -13.42 27.81 -5.69
CA ILE D 97 -12.42 26.83 -5.32
C ILE D 97 -11.14 27.51 -4.88
N SER D 98 -10.70 27.23 -3.67
CA SER D 98 -9.38 27.62 -3.24
C SER D 98 -8.39 26.68 -3.91
N ASN D 99 -8.47 25.40 -3.55
CA ASN D 99 -7.62 24.39 -4.18
C ASN D 99 -8.18 22.97 -4.11
N ILE D 100 -7.65 22.09 -4.96
CA ILE D 100 -8.04 20.70 -5.00
C ILE D 100 -6.79 19.83 -5.06
N ASP D 101 -6.78 18.77 -4.25
CA ASP D 101 -5.68 17.83 -4.25
C ASP D 101 -6.22 16.43 -4.44
N CYS D 102 -5.80 15.77 -5.52
CA CYS D 102 -6.31 14.44 -5.85
C CYS D 102 -5.23 13.39 -5.72
N THR D 103 -5.62 12.22 -5.25
CA THR D 103 -4.70 11.09 -5.22
C THR D 103 -5.31 9.88 -5.92
N ILE D 104 -4.73 9.50 -7.05
CA ILE D 104 -5.14 8.31 -7.78
C ILE D 104 -4.38 7.12 -7.25
N ILE D 105 -5.12 6.07 -6.92
CA ILE D 105 -4.52 4.85 -6.43
C ILE D 105 -4.70 3.76 -7.47
N ALA D 106 -3.60 3.37 -8.11
CA ALA D 106 -3.62 2.39 -9.18
C ALA D 106 -2.30 1.63 -9.25
N GLN D 107 -2.36 0.32 -9.48
CA GLN D 107 -1.16 -0.44 -9.86
C GLN D 107 -0.94 -0.27 -11.34
N ALA D 108 -2.04 -0.30 -12.09
CA ALA D 108 -2.04 -0.07 -13.53
C ALA D 108 -3.33 0.65 -13.93
N PRO D 109 -3.28 1.48 -14.98
CA PRO D 109 -2.15 1.75 -15.88
C PRO D 109 -1.18 2.79 -15.31
N LYS D 110 -0.16 3.13 -16.09
CA LYS D 110 0.79 4.15 -15.67
C LYS D 110 0.13 5.50 -15.89
N LEU D 112 1.49 8.54 -14.78
CA LEU D 112 2.42 9.66 -14.80
C LEU D 112 2.42 10.46 -16.11
N PRO D 113 2.32 9.78 -17.26
CA PRO D 113 2.32 10.52 -18.53
C PRO D 113 1.06 11.37 -18.78
N HIS D 114 -0.07 11.00 -18.17
CA HIS D 114 -1.33 11.72 -18.36
C HIS D 114 -1.74 12.75 -17.30
N ILE D 115 -1.05 12.78 -16.17
CA ILE D 115 -1.47 13.66 -15.09
C ILE D 115 -1.62 15.09 -15.56
N GLU D 116 -0.63 15.57 -16.30
CA GLU D 116 -0.64 16.95 -16.74
C GLU D 116 -1.73 17.24 -17.76
N LYS D 117 -2.13 16.24 -18.55
CA LYS D 117 -3.26 16.46 -19.43
C LYS D 117 -4.50 16.60 -18.58
N ARG D 119 -4.86 17.60 -15.42
CA ARG D 119 -4.86 18.89 -14.74
C ARG D 119 -5.33 20.05 -15.62
N ALA D 120 -4.91 20.03 -16.87
CA ALA D 120 -5.28 21.08 -17.80
C ALA D 120 -6.74 20.92 -18.17
N CYS D 121 -7.16 19.67 -18.34
CA CYS D 121 -8.50 19.35 -18.76
C CYS D 121 -9.51 19.85 -17.73
N LEU D 122 -9.25 19.55 -16.46
CA LEU D 122 -10.16 19.88 -15.38
C LEU D 122 -10.06 21.34 -15.04
N ALA D 123 -8.83 21.88 -15.04
CA ALA D 123 -8.68 23.29 -14.70
C ALA D 123 -9.43 24.16 -15.72
N ASN D 124 -9.50 23.67 -16.95
CA ASN D 124 -10.26 24.33 -18.01
C ASN D 124 -11.76 24.26 -17.82
N ILE D 125 -12.23 23.18 -17.20
CA ILE D 125 -13.67 23.03 -16.98
C ILE D 125 -14.14 23.82 -15.77
N LEU D 126 -13.36 23.79 -14.68
CA LEU D 126 -13.68 24.49 -13.45
C LEU D 126 -13.23 25.94 -13.50
N GLU D 127 -12.59 26.34 -14.61
CA GLU D 127 -12.13 27.71 -14.77
C GLU D 127 -11.28 28.18 -13.59
N ILE D 128 -10.32 27.35 -13.21
CA ILE D 128 -9.31 27.75 -12.22
C ILE D 128 -7.92 27.61 -12.83
N GLN D 129 -6.90 27.98 -12.05
CA GLN D 129 -5.51 27.83 -12.46
C GLN D 129 -5.07 26.37 -12.30
N ILE D 130 -4.15 25.92 -13.14
CA ILE D 130 -3.63 24.57 -13.00
C ILE D 130 -3.06 24.42 -11.60
N SER D 131 -2.43 25.48 -11.11
CA SER D 131 -1.82 25.47 -9.78
C SER D 131 -2.84 25.19 -8.68
N GLN D 132 -4.12 25.35 -8.97
CA GLN D 132 -5.18 25.14 -7.98
C GLN D 132 -5.69 23.72 -7.98
N ILE D 133 -5.27 22.92 -8.96
CA ILE D 133 -5.65 21.51 -8.96
C ILE D 133 -4.46 20.58 -9.10
N ASN D 134 -4.20 19.85 -8.04
CA ASN D 134 -3.02 19.01 -7.95
C ASN D 134 -3.41 17.55 -8.03
N ILE D 135 -2.74 16.79 -8.90
CA ILE D 135 -3.06 15.39 -9.06
C ILE D 135 -1.81 14.55 -8.90
N LYS D 136 -1.86 13.57 -8.00
CA LYS D 136 -0.73 12.70 -7.85
C LYS D 136 -1.20 11.25 -7.88
N ALA D 137 -0.27 10.32 -8.08
CA ALA D 137 -0.60 8.91 -8.18
C ALA D 137 0.31 8.08 -7.27
N THR D 138 -0.19 6.94 -6.83
CA THR D 138 0.61 6.02 -6.03
C THR D 138 0.08 4.60 -6.18
N THR D 139 0.73 3.64 -5.53
CA THR D 139 0.35 2.24 -5.66
C THR D 139 0.13 1.70 -4.28
N THR D 140 -0.46 0.52 -4.21
CA THR D 140 -0.59 -0.24 -2.98
C THR D 140 0.56 -1.24 -2.86
N GLU D 141 1.52 -1.11 -3.77
CA GLU D 141 2.68 -1.99 -3.82
C GLU D 141 2.27 -3.45 -3.96
N ARG D 142 1.38 -3.70 -4.92
CA ARG D 142 0.86 -5.02 -5.26
C ARG D 142 0.09 -5.70 -4.14
N LEU D 143 -0.41 -4.88 -3.22
CA LEU D 143 -1.27 -5.36 -2.14
C LEU D 143 -2.75 -5.08 -2.44
N GLY D 144 -3.61 -6.01 -2.06
CA GLY D 144 -5.04 -5.83 -2.21
C GLY D 144 -5.57 -5.87 -3.62
N PHE D 145 -6.84 -5.49 -3.80
CA PHE D 145 -7.48 -5.58 -5.09
C PHE D 145 -6.86 -4.60 -6.09
N ILE D 146 -6.40 -3.47 -5.58
CA ILE D 146 -5.70 -2.52 -6.43
C ILE D 146 -4.35 -3.10 -6.83
N GLY D 147 -3.71 -3.81 -5.90
CA GLY D 147 -2.48 -4.50 -6.19
C GLY D 147 -2.64 -5.57 -7.25
N ARG D 148 -3.76 -6.29 -7.21
CA ARG D 148 -4.00 -7.37 -8.15
C ARG D 148 -4.55 -6.83 -9.45
N GLU D 149 -4.62 -5.51 -9.53
CA GLU D 149 -5.10 -4.83 -10.73
C GLU D 149 -6.55 -5.18 -11.05
N GLU D 150 -7.37 -5.38 -10.03
CA GLU D 150 -8.78 -5.65 -10.24
C GLU D 150 -9.55 -4.35 -10.47
N GLY D 151 -8.97 -3.23 -10.01
CA GLY D 151 -9.57 -1.92 -10.18
C GLY D 151 -8.68 -0.83 -9.62
N ILE D 152 -9.17 0.41 -9.64
CA ILE D 152 -8.45 1.56 -9.11
C ILE D 152 -9.35 2.48 -8.28
N ALA D 153 -8.75 3.41 -7.56
CA ALA D 153 -9.47 4.30 -6.63
C ALA D 153 -8.96 5.73 -6.70
N THR D 154 -9.74 6.67 -6.18
CA THR D 154 -9.26 8.05 -6.10
C THR D 154 -9.76 8.76 -4.86
N HIS D 155 -8.87 9.52 -4.22
CA HIS D 155 -9.25 10.43 -3.15
C HIS D 155 -9.13 11.82 -3.68
N VAL D 156 -10.06 12.68 -3.29
CA VAL D 156 -9.96 14.09 -3.61
C VAL D 156 -10.29 14.83 -2.34
N VAL D 157 -9.52 15.87 -2.05
CA VAL D 157 -9.98 16.80 -1.03
C VAL D 157 -10.03 18.16 -1.66
N CYS D 158 -10.94 19.00 -1.18
CA CYS D 158 -11.00 20.35 -1.70
C CYS D 158 -11.29 21.31 -0.60
N LEU D 159 -10.94 22.55 -0.87
CA LEU D 159 -11.25 23.66 0.00
C LEU D 159 -11.94 24.72 -0.83
N LEU D 160 -13.12 25.14 -0.38
CA LEU D 160 -13.91 26.16 -1.07
C LEU D 160 -14.08 27.38 -0.17
N TYR D 161 -14.41 28.53 -0.75
CA TYR D 161 -14.66 29.74 0.03
C TYR D 161 -15.67 30.63 -0.65
N ARG D 162 -16.40 31.41 0.14
CA ARG D 162 -17.45 32.31 -0.36
C ARG D 162 -17.11 33.75 -0.04
#